data_8DCL
#
_entry.id   8DCL
#
_cell.length_a   39.840
_cell.length_b   44.766
_cell.length_c   57.428
_cell.angle_alpha   83.250
_cell.angle_beta   79.350
_cell.angle_gamma   65.080
#
_symmetry.space_group_name_H-M   'P 1'
#
loop_
_entity.id
_entity.type
_entity.pdbx_description
1 polymer GDP-D-glycero-4-keto-D-lyxo-heptose-3-epimerase
2 non-polymer "GUANOSINE-5'-DIPHOSPHATE"
3 non-polymer 'POTASSIUM ION'
4 non-polymer 1,2-ETHANEDIOL
5 non-polymer 'SODIUM ION'
6 water water
#
_entity_poly.entity_id   1
_entity_poly.type   'polypeptide(L)'
_entity_poly.pdbx_seq_one_letter_code
;MAIEFNIQESKILKGVYIITPNKFRDLRGEIWTAFTSKAVDKLLPNGLKFIHDKFIHSKHNVIRGIHGDVKTYKLATCVY
GEIHQVVVDCRKDSPTYLKYEKFIINQDNQQIILVPAGFGNAHYVTSESAVYYYKCAYKGDYVDAPDQFTYAWNDERIGI
DWPTNSPILSERDILATKNKGLEHHHHHH
;
_entity_poly.pdbx_strand_id   A,B
#
loop_
_chem_comp.id
_chem_comp.type
_chem_comp.name
_chem_comp.formula
EDO non-polymer 1,2-ETHANEDIOL 'C2 H6 O2'
GDP RNA linking GUANOSINE-5'-DIPHOSPHATE 'C10 H15 N5 O11 P2'
K non-polymer 'POTASSIUM ION' 'K 1'
NA non-polymer 'SODIUM ION' 'Na 1'
#
# COMPACT_ATOMS: atom_id res chain seq x y z
N ALA A 2 18.64 9.16 1.70
CA ALA A 2 17.50 10.01 1.26
C ALA A 2 16.45 9.12 0.57
N ILE A 3 15.19 9.53 0.59
CA ILE A 3 14.12 8.88 -0.21
C ILE A 3 14.31 9.28 -1.69
N GLU A 4 14.51 8.31 -2.59
CA GLU A 4 14.77 8.57 -4.02
C GLU A 4 13.82 7.77 -4.90
N PHE A 5 13.55 8.29 -6.09
CA PHE A 5 12.85 7.52 -7.14
C PHE A 5 13.60 7.65 -8.46
N ASN A 6 13.73 6.55 -9.17
CA ASN A 6 14.06 6.54 -10.62
C ASN A 6 12.74 6.41 -11.38
N ILE A 7 12.44 7.35 -12.27
CA ILE A 7 11.16 7.32 -13.05
C ILE A 7 11.52 7.27 -14.53
N GLN A 8 11.12 6.22 -15.21
CA GLN A 8 11.39 6.01 -16.66
C GLN A 8 10.05 5.81 -17.37
N GLU A 9 9.83 6.45 -18.51
CA GLU A 9 8.67 6.05 -19.35
CA GLU A 9 8.67 6.04 -19.34
C GLU A 9 9.00 4.70 -19.99
N SER A 10 7.98 3.88 -20.19
CA SER A 10 8.09 2.65 -21.00
C SER A 10 8.66 2.98 -22.39
N LYS A 11 9.50 2.09 -22.87
CA LYS A 11 9.99 2.09 -24.27
C LYS A 11 8.95 1.47 -25.20
N ILE A 12 7.88 0.85 -24.67
CA ILE A 12 6.95 -0.05 -25.43
C ILE A 12 5.56 0.62 -25.52
N LEU A 13 5.05 1.17 -24.43
CA LEU A 13 3.67 1.66 -24.33
C LEU A 13 3.70 3.11 -23.87
N LYS A 14 3.28 4.02 -24.75
CA LYS A 14 3.27 5.46 -24.41
C LYS A 14 2.33 5.68 -23.22
N GLY A 15 2.81 6.40 -22.19
CA GLY A 15 2.00 6.79 -21.03
C GLY A 15 2.31 5.95 -19.80
N VAL A 16 2.91 4.77 -20.00
CA VAL A 16 3.27 3.89 -18.86
C VAL A 16 4.59 4.38 -18.26
N TYR A 17 4.67 4.51 -16.94
CA TYR A 17 5.90 4.85 -16.21
C TYR A 17 6.29 3.71 -15.31
N ILE A 18 7.59 3.49 -15.24
CA ILE A 18 8.26 2.46 -14.41
C ILE A 18 9.06 3.19 -13.34
N ILE A 19 8.55 3.11 -12.12
CA ILE A 19 9.07 3.91 -10.97
C ILE A 19 9.83 2.96 -10.03
N THR A 20 11.08 3.27 -9.70
CA THR A 20 11.86 2.37 -8.84
C THR A 20 12.32 3.16 -7.62
N PRO A 21 11.87 2.77 -6.39
CA PRO A 21 12.34 3.44 -5.18
C PRO A 21 13.72 2.93 -4.76
N ASN A 22 14.43 3.69 -3.91
CA ASN A 22 15.53 3.08 -3.14
C ASN A 22 14.97 2.46 -1.85
N LYS A 23 15.78 1.68 -1.14
CA LYS A 23 15.38 1.04 0.13
C LYS A 23 16.50 1.18 1.16
N PHE A 24 16.16 1.28 2.44
CA PHE A 24 17.14 1.13 3.54
C PHE A 24 16.99 -0.30 4.05
N ARG A 25 18.09 -1.06 3.97
CA ARG A 25 18.12 -2.48 4.40
CA ARG A 25 18.12 -2.48 4.39
C ARG A 25 19.04 -2.61 5.60
N ASP A 26 18.59 -3.40 6.56
CA ASP A 26 19.43 -3.69 7.75
C ASP A 26 18.97 -5.01 8.35
N LEU A 27 19.53 -5.33 9.54
CA LEU A 27 19.30 -6.62 10.23
C LEU A 27 17.80 -6.81 10.47
N ARG A 28 16.99 -5.75 10.45
CA ARG A 28 15.56 -5.92 10.81
C ARG A 28 14.73 -6.25 9.55
N GLY A 29 15.24 -5.93 8.35
CA GLY A 29 14.50 -5.98 7.08
C GLY A 29 14.71 -4.76 6.21
N GLU A 30 13.63 -4.16 5.72
CA GLU A 30 13.78 -3.03 4.79
C GLU A 30 12.68 -2.00 4.97
N ILE A 31 13.00 -0.74 4.67
CA ILE A 31 12.06 0.41 4.68
C ILE A 31 12.14 1.07 3.30
N TRP A 32 11.01 1.45 2.74
CA TRP A 32 11.02 2.18 1.46
C TRP A 32 9.71 2.96 1.28
N THR A 33 9.81 3.95 0.42
CA THR A 33 8.69 4.85 0.07
C THR A 33 8.18 4.42 -1.31
N ALA A 34 6.90 4.08 -1.41
CA ALA A 34 6.25 3.68 -2.67
C ALA A 34 5.75 4.88 -3.46
N PHE A 35 5.49 6.00 -2.78
CA PHE A 35 4.76 7.14 -3.39
C PHE A 35 4.96 8.38 -2.56
N THR A 36 5.23 9.49 -3.24
CA THR A 36 4.93 10.82 -2.67
C THR A 36 4.15 11.62 -3.71
N SER A 37 3.25 12.48 -3.25
CA SER A 37 2.46 13.31 -4.17
C SER A 37 3.42 14.09 -5.08
N LYS A 38 4.45 14.67 -4.46
CA LYS A 38 5.45 15.50 -5.18
C LYS A 38 6.03 14.71 -6.35
N ALA A 39 6.52 13.49 -6.09
CA ALA A 39 7.24 12.71 -7.11
C ALA A 39 6.30 12.20 -8.20
N VAL A 40 5.09 11.76 -7.83
CA VAL A 40 4.24 10.92 -8.74
C VAL A 40 2.98 11.63 -9.26
N ASP A 41 2.30 12.44 -8.45
CA ASP A 41 1.02 13.09 -8.85
C ASP A 41 1.30 13.99 -10.06
N LYS A 42 2.54 14.47 -10.21
CA LYS A 42 2.95 15.34 -11.33
C LYS A 42 2.88 14.56 -12.65
N LEU A 43 2.91 13.22 -12.63
CA LEU A 43 2.83 12.40 -13.87
C LEU A 43 1.39 12.29 -14.37
N LEU A 44 0.42 12.60 -13.53
CA LEU A 44 -0.99 12.59 -13.96
C LEU A 44 -1.38 13.91 -14.62
N PRO A 45 -2.52 13.91 -15.35
CA PRO A 45 -3.15 15.16 -15.79
C PRO A 45 -3.31 16.24 -14.70
N ASN A 46 -3.00 17.49 -15.05
CA ASN A 46 -3.29 18.64 -14.17
C ASN A 46 -4.66 18.44 -13.56
N GLY A 47 -4.81 18.54 -12.26
CA GLY A 47 -6.14 18.50 -11.63
C GLY A 47 -6.46 17.11 -11.12
N LEU A 48 -5.61 16.14 -11.45
CA LEU A 48 -5.83 14.74 -11.00
C LEU A 48 -4.69 14.28 -10.10
N LYS A 49 -5.05 13.67 -8.98
CA LYS A 49 -4.11 13.09 -8.00
C LYS A 49 -4.59 11.68 -7.65
N PHE A 50 -3.67 10.86 -7.16
CA PHE A 50 -4.03 9.56 -6.57
C PHE A 50 -4.78 9.84 -5.27
N ILE A 51 -5.89 9.17 -5.04
CA ILE A 51 -6.76 9.46 -3.90
C ILE A 51 -7.34 8.17 -3.27
N HIS A 52 -6.80 6.99 -3.61
CA HIS A 52 -7.42 5.71 -3.17
C HIS A 52 -6.31 4.68 -3.11
N ASP A 53 -6.24 3.93 -2.05
CA ASP A 53 -5.17 2.90 -1.85
C ASP A 53 -5.86 1.56 -1.66
N LYS A 54 -5.40 0.54 -2.38
CA LYS A 54 -6.05 -0.78 -2.28
C LYS A 54 -4.97 -1.83 -2.05
N PHE A 55 -5.35 -2.90 -1.39
CA PHE A 55 -4.49 -4.09 -1.19
C PHE A 55 -5.24 -5.29 -1.70
N ILE A 56 -4.49 -6.19 -2.35
CA ILE A 56 -5.04 -7.50 -2.79
C ILE A 56 -4.07 -8.57 -2.34
N HIS A 57 -4.50 -9.46 -1.44
CA HIS A 57 -3.65 -10.57 -1.01
C HIS A 57 -4.15 -11.83 -1.72
N SER A 58 -3.33 -12.45 -2.55
CA SER A 58 -3.78 -13.61 -3.38
C SER A 58 -2.85 -14.79 -3.14
N LYS A 59 -3.40 -16.00 -3.24
CA LYS A 59 -2.59 -17.23 -3.11
C LYS A 59 -1.87 -17.52 -4.42
N HIS A 60 -0.91 -18.41 -4.30
CA HIS A 60 -0.15 -18.94 -5.42
C HIS A 60 -1.09 -19.31 -6.58
N ASN A 61 -0.67 -18.93 -7.78
CA ASN A 61 -1.19 -19.36 -9.09
C ASN A 61 -2.50 -18.62 -9.39
N VAL A 62 -2.79 -17.56 -8.66
CA VAL A 62 -3.94 -16.66 -8.99
C VAL A 62 -3.55 -15.77 -10.16
N ILE A 63 -4.46 -15.62 -11.13
CA ILE A 63 -4.42 -14.48 -12.09
C ILE A 63 -5.58 -13.58 -11.76
N ARG A 64 -5.36 -12.27 -11.86
CA ARG A 64 -6.49 -11.30 -11.81
C ARG A 64 -6.37 -10.41 -13.03
N GLY A 65 -7.41 -10.28 -13.86
CA GLY A 65 -7.35 -9.40 -15.05
C GLY A 65 -8.02 -10.02 -16.26
N ILE A 66 -8.07 -9.28 -17.38
CA ILE A 66 -7.37 -8.00 -17.57
C ILE A 66 -8.43 -6.90 -17.39
N HIS A 67 -8.23 -5.99 -16.43
CA HIS A 67 -9.30 -5.06 -15.98
C HIS A 67 -8.89 -3.62 -16.27
N GLY A 68 -9.86 -2.81 -16.70
CA GLY A 68 -9.53 -1.41 -16.93
C GLY A 68 -10.78 -0.59 -17.17
N ASP A 69 -10.60 0.70 -17.20
CA ASP A 69 -11.71 1.64 -17.52
C ASP A 69 -11.09 2.90 -18.08
N VAL A 70 -11.90 3.75 -18.72
CA VAL A 70 -11.35 4.92 -19.43
C VAL A 70 -11.06 6.09 -18.48
N LYS A 71 -11.45 6.01 -17.22
CA LYS A 71 -11.17 7.16 -16.31
C LYS A 71 -10.02 6.89 -15.34
N THR A 72 -9.72 5.66 -14.97
CA THR A 72 -8.94 5.40 -13.73
C THR A 72 -7.45 5.18 -14.07
N TYR A 73 -6.59 5.97 -13.46
CA TYR A 73 -5.13 5.75 -13.51
C TYR A 73 -4.78 4.89 -12.28
N LYS A 74 -3.81 3.98 -12.41
CA LYS A 74 -3.38 3.09 -11.31
C LYS A 74 -1.87 3.17 -11.13
N LEU A 75 -1.42 2.90 -9.92
CA LEU A 75 0.02 2.81 -9.61
C LEU A 75 0.21 1.52 -8.82
N ALA A 76 0.88 0.51 -9.37
CA ALA A 76 0.77 -0.87 -8.86
C ALA A 76 2.15 -1.43 -8.55
N THR A 77 2.25 -2.20 -7.50
CA THR A 77 3.47 -2.96 -7.16
C THR A 77 3.12 -4.13 -6.28
N CYS A 78 4.10 -4.93 -5.97
CA CYS A 78 3.95 -6.11 -5.06
C CYS A 78 4.78 -5.85 -3.82
N VAL A 79 4.17 -5.79 -2.64
CA VAL A 79 4.84 -5.45 -1.36
C VAL A 79 5.07 -6.69 -0.50
N TYR A 80 4.62 -7.85 -0.97
CA TYR A 80 5.03 -9.14 -0.34
C TYR A 80 4.94 -10.22 -1.39
N GLY A 81 5.99 -11.04 -1.52
CA GLY A 81 5.98 -12.11 -2.52
C GLY A 81 6.47 -11.65 -3.89
N GLU A 82 6.00 -12.32 -4.91
CA GLU A 82 6.44 -12.06 -6.29
C GLU A 82 5.21 -12.18 -7.20
N ILE A 83 5.04 -11.20 -8.08
CA ILE A 83 4.06 -11.28 -9.18
C ILE A 83 4.73 -11.12 -10.54
N HIS A 84 3.96 -11.53 -11.55
CA HIS A 84 4.11 -11.06 -12.93
C HIS A 84 3.02 -10.01 -13.12
N GLN A 85 3.43 -8.75 -13.21
CA GLN A 85 2.54 -7.59 -13.39
C GLN A 85 2.46 -7.39 -14.90
N VAL A 86 1.25 -7.24 -15.43
CA VAL A 86 1.05 -7.06 -16.87
C VAL A 86 0.19 -5.84 -17.13
N VAL A 87 0.70 -4.96 -17.99
CA VAL A 87 -0.05 -3.78 -18.50
CA VAL A 87 -0.14 -3.84 -18.47
C VAL A 87 -0.42 -4.06 -19.96
N VAL A 88 -1.67 -3.82 -20.32
CA VAL A 88 -2.09 -3.97 -21.75
C VAL A 88 -2.61 -2.62 -22.22
N ASP A 89 -2.12 -2.15 -23.35
CA ASP A 89 -2.72 -0.94 -23.96
C ASP A 89 -4.09 -1.34 -24.51
N CYS A 90 -5.17 -0.86 -23.91
CA CYS A 90 -6.56 -1.20 -24.29
C CYS A 90 -7.19 0.05 -24.91
N ARG A 91 -6.38 1.02 -25.34
CA ARG A 91 -6.88 2.21 -26.05
C ARG A 91 -7.04 1.83 -27.53
N LYS A 92 -8.26 1.73 -27.99
CA LYS A 92 -8.56 1.19 -29.34
C LYS A 92 -7.99 2.04 -30.48
N ASP A 93 -7.71 3.30 -30.17
CA ASP A 93 -7.16 4.31 -31.10
C ASP A 93 -5.64 4.21 -31.11
N SER A 94 -5.02 3.50 -30.15
CA SER A 94 -3.57 3.56 -29.95
C SER A 94 -2.84 2.70 -31.00
N PRO A 95 -1.71 3.17 -31.55
CA PRO A 95 -0.86 2.34 -32.42
C PRO A 95 -0.40 1.04 -31.74
N THR A 96 -0.40 1.01 -30.39
CA THR A 96 0.06 -0.17 -29.62
C THR A 96 -1.16 -0.83 -28.95
N TYR A 97 -2.38 -0.59 -29.43
CA TYR A 97 -3.56 -1.37 -28.98
C TYR A 97 -3.25 -2.87 -28.93
N LEU A 98 -3.45 -3.48 -27.74
CA LEU A 98 -3.32 -4.92 -27.40
C LEU A 98 -1.88 -5.35 -27.38
N LYS A 99 -0.93 -4.40 -27.41
CA LYS A 99 0.46 -4.70 -27.01
C LYS A 99 0.52 -4.65 -25.48
N TYR A 100 1.47 -5.33 -24.88
CA TYR A 100 1.56 -5.46 -23.41
C TYR A 100 3.01 -5.35 -22.98
N GLU A 101 3.18 -5.07 -21.70
CA GLU A 101 4.52 -5.11 -21.07
C GLU A 101 4.38 -5.84 -19.74
N LYS A 102 5.35 -6.70 -19.45
CA LYS A 102 5.37 -7.53 -18.23
C LYS A 102 6.56 -7.20 -17.36
N PHE A 103 6.33 -7.16 -16.05
CA PHE A 103 7.36 -6.87 -15.03
C PHE A 103 7.24 -7.92 -13.95
N ILE A 104 8.36 -8.57 -13.68
CA ILE A 104 8.42 -9.50 -12.55
C ILE A 104 8.84 -8.70 -11.33
N ILE A 105 7.91 -8.57 -10.40
CA ILE A 105 8.09 -7.62 -9.29
C ILE A 105 8.23 -8.43 -8.00
N ASN A 106 9.33 -8.16 -7.30
CA ASN A 106 9.61 -8.78 -5.98
C ASN A 106 10.52 -7.84 -5.19
N GLN A 107 10.89 -8.23 -3.95
CA GLN A 107 11.65 -7.32 -3.06
C GLN A 107 12.97 -6.92 -3.71
N ASP A 108 13.57 -7.71 -4.62
CA ASP A 108 14.84 -7.32 -5.30
C ASP A 108 14.60 -6.61 -6.65
N ASN A 109 13.35 -6.37 -7.02
CA ASN A 109 12.95 -5.78 -8.31
C ASN A 109 11.69 -5.00 -8.01
N GLN A 110 11.86 -3.95 -7.22
CA GLN A 110 10.71 -3.21 -6.68
C GLN A 110 10.24 -2.16 -7.68
N GLN A 111 9.92 -2.56 -8.90
CA GLN A 111 9.26 -1.66 -9.87
C GLN A 111 7.83 -1.38 -9.42
N ILE A 112 7.42 -0.16 -9.67
CA ILE A 112 6.07 0.39 -9.38
C ILE A 112 5.57 0.95 -10.69
N ILE A 113 4.44 0.46 -11.19
CA ILE A 113 4.02 0.74 -12.59
C ILE A 113 2.85 1.71 -12.56
N LEU A 114 3.01 2.81 -13.29
CA LEU A 114 1.87 3.74 -13.51
C LEU A 114 1.14 3.26 -14.75
N VAL A 115 -0.08 2.77 -14.54
CA VAL A 115 -0.94 2.20 -15.59
C VAL A 115 -1.97 3.25 -15.96
N PRO A 116 -1.91 3.88 -17.13
CA PRO A 116 -2.81 4.98 -17.45
C PRO A 116 -4.27 4.56 -17.58
N ALA A 117 -5.16 5.55 -17.51
CA ALA A 117 -6.57 5.36 -17.87
C ALA A 117 -6.64 4.77 -19.30
N GLY A 118 -7.57 3.83 -19.49
CA GLY A 118 -7.78 3.16 -20.78
C GLY A 118 -6.83 1.99 -21.04
N PHE A 119 -5.98 1.69 -20.07
CA PHE A 119 -5.13 0.47 -20.08
C PHE A 119 -5.81 -0.65 -19.29
N GLY A 120 -5.42 -1.88 -19.63
CA GLY A 120 -5.83 -3.07 -18.88
C GLY A 120 -4.74 -3.46 -17.92
N ASN A 121 -5.14 -3.92 -16.74
CA ASN A 121 -4.19 -4.23 -15.64
C ASN A 121 -4.39 -5.69 -15.24
N ALA A 122 -3.30 -6.43 -15.04
CA ALA A 122 -3.44 -7.84 -14.61
C ALA A 122 -2.21 -8.28 -13.86
N HIS A 123 -2.36 -9.30 -13.02
CA HIS A 123 -1.16 -9.89 -12.40
C HIS A 123 -1.41 -11.36 -12.07
N TYR A 124 -0.27 -12.05 -11.96
CA TYR A 124 -0.19 -13.48 -11.63
C TYR A 124 0.74 -13.66 -10.42
N VAL A 125 0.36 -14.55 -9.50
CA VAL A 125 1.16 -14.74 -8.26
C VAL A 125 2.08 -15.96 -8.39
N THR A 126 3.40 -15.77 -8.43
CA THR A 126 4.34 -16.91 -8.51
C THR A 126 4.72 -17.41 -7.10
N SER A 127 4.71 -16.55 -6.10
CA SER A 127 5.09 -16.92 -4.71
C SER A 127 3.97 -17.69 -4.00
N GLU A 128 4.20 -18.11 -2.74
CA GLU A 128 3.21 -18.93 -2.03
C GLU A 128 1.94 -18.07 -1.82
N SER A 129 2.14 -16.79 -1.57
CA SER A 129 1.08 -15.76 -1.62
C SER A 129 1.75 -14.43 -1.98
N ALA A 130 0.95 -13.45 -2.39
CA ALA A 130 1.50 -12.14 -2.73
C ALA A 130 0.53 -11.07 -2.25
N VAL A 131 1.07 -9.94 -1.84
CA VAL A 131 0.24 -8.74 -1.53
C VAL A 131 0.54 -7.71 -2.63
N TYR A 132 -0.52 -7.41 -3.36
CA TYR A 132 -0.55 -6.40 -4.42
C TYR A 132 -1.05 -5.11 -3.82
N TYR A 133 -0.33 -4.02 -4.05
CA TYR A 133 -0.68 -2.65 -3.63
C TYR A 133 -0.97 -1.84 -4.88
N TYR A 134 -2.09 -1.19 -4.96
CA TYR A 134 -2.24 -0.20 -6.06
C TYR A 134 -3.06 0.99 -5.57
N LYS A 135 -2.60 2.14 -6.01
CA LYS A 135 -3.33 3.41 -5.85
C LYS A 135 -4.18 3.65 -7.08
N CYS A 136 -5.31 4.36 -6.89
CA CYS A 136 -6.21 4.79 -7.99
C CYS A 136 -6.35 6.31 -7.99
N ALA A 137 -6.37 6.88 -9.18
CA ALA A 137 -6.66 8.30 -9.40
C ALA A 137 -7.81 8.42 -10.39
N TYR A 138 -8.89 9.09 -9.99
CA TYR A 138 -10.11 9.23 -10.84
C TYR A 138 -10.88 10.44 -10.29
N LYS A 139 -11.60 11.10 -11.18
CA LYS A 139 -12.60 12.12 -10.80
C LYS A 139 -13.92 11.37 -10.65
N GLY A 140 -14.85 11.94 -9.91
CA GLY A 140 -16.17 11.31 -9.71
C GLY A 140 -16.04 10.06 -8.87
N ASP A 141 -16.98 9.15 -9.05
CA ASP A 141 -17.10 7.94 -8.20
C ASP A 141 -16.07 6.91 -8.68
N TYR A 142 -15.66 6.04 -7.77
CA TYR A 142 -14.81 4.88 -8.09
C TYR A 142 -15.53 4.04 -9.15
N VAL A 143 -14.80 3.55 -10.15
CA VAL A 143 -15.34 2.67 -11.23
C VAL A 143 -15.27 1.22 -10.78
N ASP A 144 -16.41 0.65 -10.41
CA ASP A 144 -16.42 -0.74 -9.90
C ASP A 144 -16.58 -1.71 -11.06
N ALA A 145 -16.40 -3.01 -10.75
CA ALA A 145 -16.32 -4.13 -11.73
C ALA A 145 -17.39 -3.95 -12.80
N PRO A 146 -18.66 -3.63 -12.46
CA PRO A 146 -19.70 -3.57 -13.48
C PRO A 146 -19.50 -2.52 -14.59
N ASP A 147 -18.72 -1.45 -14.38
CA ASP A 147 -18.51 -0.36 -15.36
C ASP A 147 -17.10 -0.43 -15.96
N GLN A 148 -16.34 -1.45 -15.60
CA GLN A 148 -15.00 -1.69 -16.18
C GLN A 148 -15.16 -2.54 -17.44
N PHE A 149 -14.18 -2.52 -18.33
CA PHE A 149 -13.98 -3.59 -19.34
C PHE A 149 -13.07 -4.70 -18.77
N THR A 150 -13.23 -5.91 -19.33
CA THR A 150 -12.40 -7.08 -19.03
C THR A 150 -11.93 -7.68 -20.35
N TYR A 151 -10.62 -7.83 -20.54
CA TYR A 151 -10.05 -8.65 -21.62
C TYR A 151 -9.65 -10.00 -21.03
N ALA A 152 -9.85 -11.05 -21.84
CA ALA A 152 -9.46 -12.42 -21.46
C ALA A 152 -7.97 -12.51 -21.18
N TRP A 153 -7.60 -13.11 -20.05
CA TRP A 153 -6.20 -13.25 -19.61
C TRP A 153 -5.37 -13.92 -20.69
N ASN A 154 -5.99 -14.82 -21.44
CA ASN A 154 -5.28 -15.67 -22.43
C ASN A 154 -5.69 -15.25 -23.85
N ASP A 155 -6.16 -14.03 -24.05
CA ASP A 155 -6.51 -13.52 -25.40
C ASP A 155 -5.30 -13.67 -26.30
N GLU A 156 -5.45 -14.43 -27.38
CA GLU A 156 -4.30 -14.64 -28.27
C GLU A 156 -3.94 -13.39 -29.07
N ARG A 157 -4.83 -12.40 -29.19
CA ARG A 157 -4.38 -11.13 -29.84
C ARG A 157 -3.35 -10.43 -28.95
N ILE A 158 -3.47 -10.58 -27.64
CA ILE A 158 -2.49 -9.98 -26.69
C ILE A 158 -1.27 -10.91 -26.57
N GLY A 159 -1.53 -12.20 -26.40
CA GLY A 159 -0.44 -13.19 -26.41
C GLY A 159 0.51 -13.05 -25.21
N ILE A 160 -0.03 -12.74 -24.04
CA ILE A 160 0.82 -12.61 -22.83
C ILE A 160 1.51 -13.95 -22.54
N ASP A 161 2.81 -13.92 -22.37
CA ASP A 161 3.59 -15.07 -21.88
C ASP A 161 3.36 -15.24 -20.37
N TRP A 162 2.38 -16.01 -19.97
CA TRP A 162 2.16 -16.26 -18.51
C TRP A 162 2.96 -17.48 -18.15
N PRO A 163 3.39 -17.61 -16.88
CA PRO A 163 4.16 -18.79 -16.44
C PRO A 163 3.36 -20.09 -16.33
N THR A 164 2.04 -20.05 -16.47
CA THR A 164 1.16 -21.24 -16.39
C THR A 164 0.04 -21.17 -17.44
N ASN A 165 -0.49 -22.34 -17.80
CA ASN A 165 -1.70 -22.46 -18.64
C ASN A 165 -2.88 -22.79 -17.74
N SER A 166 -2.70 -22.87 -16.43
CA SER A 166 -3.78 -23.31 -15.54
C SER A 166 -3.85 -22.41 -14.31
N PRO A 167 -4.12 -21.09 -14.47
CA PRO A 167 -4.30 -20.21 -13.29
C PRO A 167 -5.64 -20.39 -12.57
N ILE A 168 -5.69 -19.89 -11.34
CA ILE A 168 -6.92 -19.72 -10.53
C ILE A 168 -7.56 -18.40 -10.95
N LEU A 169 -8.84 -18.42 -11.28
CA LEU A 169 -9.60 -17.29 -11.89
C LEU A 169 -10.92 -17.09 -11.20
N SER A 170 -11.40 -15.86 -11.13
CA SER A 170 -12.78 -15.53 -10.73
C SER A 170 -13.74 -15.91 -11.86
N GLU A 171 -15.03 -15.94 -11.55
CA GLU A 171 -16.10 -16.08 -12.58
C GLU A 171 -16.02 -14.94 -13.60
N ARG A 172 -15.72 -13.70 -13.18
CA ARG A 172 -15.60 -12.55 -14.10
C ARG A 172 -14.51 -12.84 -15.12
N ASP A 173 -13.37 -13.35 -14.68
CA ASP A 173 -12.17 -13.48 -15.53
C ASP A 173 -12.34 -14.72 -16.43
N ILE A 174 -13.11 -15.72 -15.97
CA ILE A 174 -13.46 -16.89 -16.82
C ILE A 174 -14.45 -16.40 -17.87
N LEU A 175 -15.45 -15.64 -17.47
CA LEU A 175 -16.49 -15.20 -18.42
C LEU A 175 -15.86 -14.40 -19.56
N ALA A 176 -14.81 -13.62 -19.29
CA ALA A 176 -14.14 -12.87 -20.36
C ALA A 176 -13.64 -13.83 -21.44
N THR A 177 -13.22 -15.07 -21.09
CA THR A 177 -12.62 -15.98 -22.10
C THR A 177 -13.71 -16.41 -23.09
N LYS A 178 -14.99 -16.18 -22.80
CA LYS A 178 -16.13 -16.57 -23.66
C LYS A 178 -16.82 -15.33 -24.25
N ASN A 179 -16.27 -14.13 -24.09
CA ASN A 179 -16.95 -12.90 -24.58
C ASN A 179 -15.93 -12.06 -25.34
N LYS A 180 -14.94 -12.68 -25.96
CA LYS A 180 -13.94 -11.92 -26.73
C LYS A 180 -14.69 -11.15 -27.83
N GLY A 181 -14.29 -9.90 -28.02
CA GLY A 181 -15.00 -8.99 -28.94
C GLY A 181 -16.07 -8.18 -28.28
N LEU A 182 -16.55 -8.53 -27.07
CA LEU A 182 -17.66 -7.82 -26.39
C LEU A 182 -17.10 -7.12 -25.16
N GLU A 183 -15.78 -6.89 -25.11
CA GLU A 183 -15.12 -6.33 -23.90
C GLU A 183 -15.75 -4.98 -23.55
N HIS A 184 -16.19 -4.24 -24.57
CA HIS A 184 -16.68 -2.84 -24.40
C HIS A 184 -18.17 -2.79 -24.00
N HIS A 185 -18.93 -3.90 -24.04
CA HIS A 185 -20.39 -3.83 -23.79
C HIS A 185 -20.65 -3.33 -22.37
N HIS A 186 -21.38 -2.21 -22.22
CA HIS A 186 -21.76 -1.58 -20.93
C HIS A 186 -23.24 -1.82 -20.65
N ALA B 2 -20.27 -0.22 -1.59
CA ALA B 2 -19.74 -1.48 -1.02
C ALA B 2 -18.31 -1.32 -0.47
N ILE B 3 -17.47 -0.36 -0.93
CA ILE B 3 -16.25 0.03 -0.16
C ILE B 3 -16.72 0.78 1.10
N GLU B 4 -16.45 0.25 2.29
CA GLU B 4 -16.93 0.85 3.56
C GLU B 4 -15.78 1.07 4.54
N PHE B 5 -15.96 2.08 5.39
CA PHE B 5 -15.11 2.25 6.58
C PHE B 5 -15.96 2.39 7.83
N ASN B 6 -15.50 1.76 8.89
CA ASN B 6 -15.90 2.08 10.29
C ASN B 6 -14.81 2.95 10.89
N ILE B 7 -15.14 4.15 11.35
CA ILE B 7 -14.16 5.13 11.90
C ILE B 7 -14.56 5.47 13.35
N GLN B 8 -13.73 5.07 14.31
CA GLN B 8 -14.00 5.24 15.77
C GLN B 8 -12.87 6.04 16.37
N GLU B 9 -13.13 6.97 17.27
CA GLU B 9 -12.02 7.70 17.94
C GLU B 9 -11.60 6.84 19.12
N SER B 10 -10.31 6.83 19.47
CA SER B 10 -9.81 6.16 20.69
C SER B 10 -10.57 6.68 21.92
N LYS B 11 -10.85 5.78 22.84
CA LYS B 11 -11.41 6.13 24.17
C LYS B 11 -10.28 6.54 25.13
N ILE B 12 -9.04 6.24 24.77
CA ILE B 12 -7.82 6.36 25.62
C ILE B 12 -7.04 7.63 25.25
N LEU B 13 -6.88 7.89 23.96
CA LEU B 13 -6.05 9.02 23.49
C LEU B 13 -6.86 9.83 22.49
N LYS B 14 -7.36 10.98 22.91
CA LYS B 14 -8.17 11.84 22.02
C LYS B 14 -7.37 12.16 20.76
N GLY B 15 -8.01 12.08 19.59
CA GLY B 15 -7.37 12.47 18.33
C GLY B 15 -6.76 11.26 17.62
N VAL B 16 -6.60 10.12 18.32
CA VAL B 16 -6.24 8.82 17.67
C VAL B 16 -7.51 8.21 17.06
N TYR B 17 -7.48 7.84 15.78
CA TYR B 17 -8.64 7.21 15.10
C TYR B 17 -8.30 5.76 14.75
N ILE B 18 -9.31 4.92 14.92
CA ILE B 18 -9.26 3.48 14.61
C ILE B 18 -10.20 3.24 13.45
N ILE B 19 -9.64 2.90 12.29
CA ILE B 19 -10.35 2.84 11.00
C ILE B 19 -10.35 1.39 10.54
N THR B 20 -11.52 0.81 10.31
CA THR B 20 -11.64 -0.59 9.90
C THR B 20 -12.33 -0.65 8.54
N PRO B 21 -11.63 -1.14 7.49
CA PRO B 21 -12.24 -1.32 6.19
C PRO B 21 -13.05 -2.62 6.13
N ASN B 22 -13.97 -2.74 5.17
CA ASN B 22 -14.55 -4.06 4.84
C ASN B 22 -13.63 -4.73 3.81
N LYS B 23 -13.89 -5.99 3.49
CA LYS B 23 -13.06 -6.70 2.51
C LYS B 23 -13.94 -7.59 1.65
N PHE B 24 -13.51 -7.85 0.42
CA PHE B 24 -14.14 -8.86 -0.47
C PHE B 24 -13.24 -10.07 -0.47
N ARG B 25 -13.78 -11.22 -0.07
CA ARG B 25 -12.97 -12.45 0.09
C ARG B 25 -13.55 -13.53 -0.83
N ASP B 26 -12.67 -14.27 -1.51
CA ASP B 26 -13.10 -15.35 -2.43
C ASP B 26 -11.95 -16.33 -2.56
N LEU B 27 -12.12 -17.27 -3.50
CA LEU B 27 -11.17 -18.37 -3.72
C LEU B 27 -9.75 -17.84 -3.96
N ARG B 28 -9.60 -16.61 -4.41
CA ARG B 28 -8.23 -16.14 -4.76
C ARG B 28 -7.54 -15.47 -3.57
N GLY B 29 -8.32 -14.97 -2.61
CA GLY B 29 -7.79 -14.17 -1.50
C GLY B 29 -8.71 -13.04 -1.13
N GLU B 30 -8.18 -11.86 -0.89
CA GLU B 30 -9.06 -10.76 -0.41
C GLU B 30 -8.64 -9.44 -1.04
N ILE B 31 -9.61 -8.55 -1.21
CA ILE B 31 -9.38 -7.20 -1.78
C ILE B 31 -9.92 -6.21 -0.77
N TRP B 32 -9.20 -5.12 -0.53
CA TRP B 32 -9.78 -4.13 0.39
C TRP B 32 -9.13 -2.78 0.13
N THR B 33 -9.83 -1.74 0.57
CA THR B 33 -9.36 -0.35 0.41
C THR B 33 -8.88 0.15 1.77
N ALA B 34 -7.64 0.62 1.85
CA ALA B 34 -7.04 1.07 3.12
C ALA B 34 -7.37 2.55 3.34
N PHE B 35 -7.60 3.29 2.25
CA PHE B 35 -7.65 4.75 2.30
C PHE B 35 -8.40 5.30 1.10
N THR B 36 -9.29 6.27 1.31
CA THR B 36 -9.64 7.24 0.26
C THR B 36 -9.48 8.64 0.85
N SER B 37 -9.16 9.60 -0.01
CA SER B 37 -9.03 11.00 0.44
C SER B 37 -10.37 11.45 1.03
N LYS B 38 -11.48 11.12 0.36
CA LYS B 38 -12.82 11.58 0.78
C LYS B 38 -13.15 11.05 2.18
N ALA B 39 -12.80 9.81 2.49
CA ALA B 39 -13.15 9.20 3.78
C ALA B 39 -12.19 9.65 4.89
N VAL B 40 -10.91 9.86 4.61
CA VAL B 40 -9.89 9.88 5.70
C VAL B 40 -9.22 11.26 5.82
N ASP B 41 -8.97 11.98 4.73
CA ASP B 41 -8.20 13.24 4.83
C ASP B 41 -8.97 14.22 5.72
N LYS B 42 -10.30 14.12 5.79
CA LYS B 42 -11.10 15.04 6.62
C LYS B 42 -10.73 14.92 8.12
N LEU B 43 -10.08 13.84 8.53
CA LEU B 43 -9.72 13.58 9.94
C LEU B 43 -8.48 14.39 10.32
N LEU B 44 -7.69 14.76 9.33
CA LEU B 44 -6.49 15.60 9.52
C LEU B 44 -6.88 17.06 9.71
N PRO B 45 -5.96 17.88 10.28
CA PRO B 45 -6.17 19.32 10.43
C PRO B 45 -6.41 20.02 9.09
N ASN B 46 -6.99 21.21 9.15
CA ASN B 46 -7.20 22.10 7.98
C ASN B 46 -5.89 22.25 7.18
N GLY B 47 -5.93 22.02 5.87
CA GLY B 47 -4.78 22.23 4.97
C GLY B 47 -3.88 21.02 4.90
N LEU B 48 -4.21 19.94 5.59
CA LEU B 48 -3.30 18.77 5.58
C LEU B 48 -3.97 17.57 4.94
N LYS B 49 -3.25 16.91 4.06
CA LYS B 49 -3.70 15.62 3.43
C LYS B 49 -2.54 14.64 3.47
N PHE B 50 -2.86 13.36 3.47
CA PHE B 50 -1.76 12.35 3.38
C PHE B 50 -1.13 12.47 2.00
N ILE B 51 0.20 12.46 1.93
CA ILE B 51 0.95 12.69 0.68
C ILE B 51 2.11 11.72 0.52
N HIS B 52 2.21 10.67 1.32
CA HIS B 52 3.45 9.86 1.36
C HIS B 52 3.08 8.46 1.82
N ASP B 53 3.51 7.43 1.09
CA ASP B 53 3.17 6.02 1.39
C ASP B 53 4.46 5.26 1.62
N LYS B 54 4.56 4.51 2.71
CA LYS B 54 5.78 3.79 3.07
C LYS B 54 5.42 2.35 3.41
N PHE B 55 6.40 1.49 3.18
CA PHE B 55 6.36 0.05 3.51
C PHE B 55 7.60 -0.30 4.32
N ILE B 56 7.35 -1.12 5.34
CA ILE B 56 8.42 -1.71 6.17
C ILE B 56 8.19 -3.21 6.24
N HIS B 57 9.15 -4.00 5.75
CA HIS B 57 9.08 -5.45 5.86
C HIS B 57 10.11 -5.89 6.90
N SER B 58 9.65 -6.40 8.04
CA SER B 58 10.54 -6.79 9.15
C SER B 58 10.40 -8.26 9.52
N LYS B 59 11.51 -8.83 9.97
CA LYS B 59 11.50 -10.24 10.42
C LYS B 59 10.87 -10.34 11.83
N HIS B 60 10.45 -11.55 12.13
CA HIS B 60 9.93 -11.90 13.47
C HIS B 60 10.77 -11.23 14.59
N ASN B 61 10.07 -10.73 15.61
CA ASN B 61 10.66 -10.27 16.90
C ASN B 61 11.45 -8.97 16.68
N VAL B 62 11.28 -8.30 15.55
CA VAL B 62 11.71 -6.89 15.41
C VAL B 62 10.74 -5.97 16.13
N ILE B 63 11.31 -4.98 16.84
CA ILE B 63 10.52 -3.78 17.27
C ILE B 63 11.09 -2.62 16.49
N ARG B 64 10.20 -1.76 15.99
CA ARG B 64 10.63 -0.48 15.43
C ARG B 64 9.92 0.62 16.20
N GLY B 65 10.66 1.58 16.70
CA GLY B 65 10.06 2.66 17.52
C GLY B 65 10.86 2.91 18.77
N ILE B 66 10.39 3.82 19.62
CA ILE B 66 9.16 4.58 19.43
C ILE B 66 9.54 5.93 18.79
N HIS B 67 8.95 6.25 17.63
CA HIS B 67 9.41 7.36 16.77
C HIS B 67 8.28 8.37 16.57
N GLY B 68 8.64 9.65 16.54
CA GLY B 68 7.67 10.67 16.11
C GLY B 68 8.30 12.01 15.97
N ASP B 69 7.50 13.01 15.64
CA ASP B 69 8.03 14.38 15.50
C ASP B 69 6.86 15.34 15.77
N VAL B 70 7.10 16.64 15.70
CA VAL B 70 6.00 17.57 16.11
C VAL B 70 5.06 17.83 14.94
N LYS B 71 5.35 17.39 13.72
CA LYS B 71 4.45 17.77 12.62
C LYS B 71 3.84 16.61 11.84
N THR B 72 4.33 15.39 11.95
CA THR B 72 3.90 14.32 11.01
C THR B 72 2.76 13.49 11.59
N TYR B 73 1.66 13.41 10.83
CA TYR B 73 0.50 12.53 11.08
C TYR B 73 0.77 11.24 10.30
N LYS B 74 0.35 10.11 10.87
CA LYS B 74 0.56 8.78 10.25
C LYS B 74 -0.72 8.00 10.25
N LEU B 75 -0.86 7.14 9.24
CA LEU B 75 -1.98 6.18 9.19
C LEU B 75 -1.36 4.82 8.94
N ALA B 76 -1.43 3.92 9.91
CA ALA B 76 -0.57 2.71 9.93
C ALA B 76 -1.42 1.45 9.99
N THR B 77 -0.99 0.39 9.32
CA THR B 77 -1.61 -0.94 9.46
C THR B 77 -0.55 -1.97 9.04
N CYS B 78 -0.96 -3.20 9.14
CA CYS B 78 -0.16 -4.36 8.73
C CYS B 78 -0.87 -5.03 7.56
N VAL B 79 -0.22 -5.15 6.42
CA VAL B 79 -0.87 -5.71 5.19
C VAL B 79 -0.35 -7.11 4.90
N TYR B 80 0.53 -7.64 5.71
CA TYR B 80 0.97 -9.06 5.64
C TYR B 80 1.48 -9.45 7.02
N GLY B 81 0.99 -10.56 7.57
CA GLY B 81 1.49 -11.04 8.89
C GLY B 81 0.70 -10.44 10.04
N GLU B 82 1.35 -10.29 11.19
CA GLU B 82 0.68 -9.74 12.38
C GLU B 82 1.66 -8.90 13.18
N ILE B 83 1.18 -7.78 13.67
CA ILE B 83 1.97 -6.88 14.54
C ILE B 83 1.19 -6.60 15.81
N HIS B 84 1.92 -6.14 16.84
CA HIS B 84 1.39 -5.26 17.91
C HIS B 84 1.78 -3.84 17.52
N GLN B 85 0.77 -3.01 17.24
CA GLN B 85 0.92 -1.58 16.90
C GLN B 85 0.74 -0.80 18.19
N VAL B 86 1.59 0.17 18.43
CA VAL B 86 1.55 0.96 19.69
C VAL B 86 1.65 2.42 19.31
N VAL B 87 0.75 3.20 19.91
CA VAL B 87 0.74 4.67 19.82
CA VAL B 87 0.80 4.67 19.81
C VAL B 87 1.02 5.25 21.22
N VAL B 88 1.92 6.20 21.31
CA VAL B 88 2.26 6.83 22.62
C VAL B 88 2.00 8.33 22.44
N ASP B 89 1.32 8.97 23.40
CA ASP B 89 1.27 10.45 23.45
C ASP B 89 2.64 10.98 23.91
N CYS B 90 3.41 11.56 23.00
CA CYS B 90 4.77 12.04 23.29
C CYS B 90 4.78 13.57 23.35
N ARG B 91 3.62 14.18 23.59
CA ARG B 91 3.56 15.67 23.69
C ARG B 91 3.84 16.04 25.14
N LYS B 92 4.96 16.69 25.36
CA LYS B 92 5.44 16.97 26.76
C LYS B 92 4.49 17.95 27.45
N ASP B 93 3.61 18.62 26.71
CA ASP B 93 2.66 19.58 27.33
C ASP B 93 1.33 18.86 27.59
N SER B 94 1.21 17.62 27.16
CA SER B 94 -0.08 16.89 27.19
C SER B 94 -0.32 16.26 28.55
N PRO B 95 -1.55 16.35 29.11
CA PRO B 95 -1.87 15.66 30.36
C PRO B 95 -1.74 14.14 30.26
N THR B 96 -1.85 13.59 29.04
CA THR B 96 -1.72 12.14 28.83
C THR B 96 -0.33 11.82 28.27
N TYR B 97 0.64 12.70 28.48
CA TYR B 97 2.04 12.42 28.11
C TYR B 97 2.46 11.04 28.61
N LEU B 98 2.98 10.21 27.68
CA LEU B 98 3.48 8.82 27.87
C LEU B 98 2.39 7.81 28.21
N LYS B 99 1.10 8.15 28.07
CA LYS B 99 0.06 7.13 27.98
C LYS B 99 0.17 6.46 26.59
N TYR B 100 -0.25 5.22 26.47
CA TYR B 100 -0.21 4.50 25.18
C TYR B 100 -1.48 3.71 24.94
N GLU B 101 -1.63 3.24 23.69
CA GLU B 101 -2.69 2.31 23.31
C GLU B 101 -2.05 1.27 22.40
N LYS B 102 -2.47 0.02 22.51
CA LYS B 102 -1.91 -1.04 21.64
C LYS B 102 -3.01 -1.75 20.85
N PHE B 103 -2.69 -2.13 19.63
CA PHE B 103 -3.63 -2.79 18.71
C PHE B 103 -2.95 -4.01 18.11
N ILE B 104 -3.58 -5.18 18.19
CA ILE B 104 -3.02 -6.38 17.54
C ILE B 104 -3.65 -6.38 16.15
N ILE B 105 -2.84 -6.24 15.12
CA ILE B 105 -3.32 -6.01 13.74
C ILE B 105 -2.93 -7.19 12.87
N ASN B 106 -3.89 -7.77 12.17
CA ASN B 106 -3.66 -8.90 11.25
C ASN B 106 -4.81 -8.92 10.23
N GLN B 107 -4.78 -9.85 9.28
CA GLN B 107 -5.78 -9.80 8.17
C GLN B 107 -7.22 -9.97 8.73
N ASP B 108 -7.43 -10.54 9.92
CA ASP B 108 -8.80 -10.73 10.50
C ASP B 108 -9.13 -9.60 11.47
N ASN B 109 -8.19 -8.68 11.67
CA ASN B 109 -8.35 -7.53 12.60
C ASN B 109 -7.66 -6.33 11.94
N GLN B 110 -8.22 -5.87 10.84
CA GLN B 110 -7.50 -4.94 9.91
C GLN B 110 -7.74 -3.51 10.36
N GLN B 111 -7.37 -3.22 11.60
CA GLN B 111 -7.51 -1.86 12.12
C GLN B 111 -6.42 -1.03 11.47
N ILE B 112 -6.75 0.19 11.18
CA ILE B 112 -5.83 1.18 10.57
C ILE B 112 -5.85 2.37 11.53
N ILE B 113 -4.68 2.79 12.01
CA ILE B 113 -4.57 3.70 13.17
C ILE B 113 -4.09 5.05 12.65
N LEU B 114 -4.87 6.10 12.90
CA LEU B 114 -4.39 7.47 12.66
C LEU B 114 -3.65 7.95 13.90
N VAL B 115 -2.36 8.21 13.72
CA VAL B 115 -1.39 8.61 14.77
C VAL B 115 -1.11 10.09 14.60
N PRO B 116 -1.60 10.97 15.51
CA PRO B 116 -1.43 12.39 15.31
C PRO B 116 0.02 12.83 15.44
N ALA B 117 0.29 14.01 14.94
CA ALA B 117 1.57 14.71 15.15
C ALA B 117 1.84 14.83 16.67
N GLY B 118 3.09 14.60 17.06
CA GLY B 118 3.56 14.65 18.45
C GLY B 118 3.38 13.32 19.15
N PHE B 119 2.72 12.34 18.53
CA PHE B 119 2.59 10.98 19.08
C PHE B 119 3.75 10.12 18.61
N GLY B 120 4.17 9.19 19.46
CA GLY B 120 5.17 8.19 19.07
C GLY B 120 4.51 6.96 18.51
N ASN B 121 5.20 6.37 17.57
CA ASN B 121 4.69 5.23 16.76
C ASN B 121 5.64 4.07 16.95
N ALA B 122 5.14 2.86 17.13
CA ALA B 122 6.03 1.68 17.20
C ALA B 122 5.26 0.42 16.81
N HIS B 123 5.97 -0.60 16.42
CA HIS B 123 5.33 -1.91 16.21
C HIS B 123 6.31 -3.03 16.53
N TYR B 124 5.73 -4.18 16.83
CA TYR B 124 6.43 -5.45 17.06
C TYR B 124 5.92 -6.48 16.08
N VAL B 125 6.80 -7.32 15.54
CA VAL B 125 6.39 -8.38 14.57
C VAL B 125 6.19 -9.74 15.28
N THR B 126 4.98 -10.25 15.37
CA THR B 126 4.70 -11.54 16.00
C THR B 126 4.77 -12.68 14.97
N SER B 127 4.61 -12.39 13.67
CA SER B 127 4.54 -13.43 12.63
C SER B 127 5.97 -13.76 12.19
N GLU B 128 6.14 -14.67 11.24
CA GLU B 128 7.50 -15.00 10.74
C GLU B 128 8.13 -13.75 10.12
N SER B 129 7.32 -12.96 9.43
CA SER B 129 7.67 -11.60 8.99
C SER B 129 6.38 -10.80 8.88
N ALA B 130 6.51 -9.50 8.73
CA ALA B 130 5.30 -8.65 8.58
C ALA B 130 5.63 -7.49 7.67
N VAL B 131 4.63 -7.09 6.91
CA VAL B 131 4.74 -5.85 6.08
C VAL B 131 3.86 -4.80 6.70
N TYR B 132 4.54 -3.76 7.15
CA TYR B 132 3.88 -2.59 7.77
C TYR B 132 3.66 -1.59 6.64
N TYR B 133 2.47 -0.98 6.62
CA TYR B 133 2.07 0.07 5.66
C TYR B 133 1.74 1.33 6.46
N TYR B 134 2.41 2.44 6.20
CA TYR B 134 1.86 3.69 6.75
C TYR B 134 1.94 4.83 5.78
N LYS B 135 0.89 5.67 5.83
CA LYS B 135 0.86 6.97 5.15
C LYS B 135 1.29 8.10 6.09
N CYS B 136 1.98 9.09 5.51
CA CYS B 136 2.44 10.31 6.24
C CYS B 136 1.77 11.56 5.67
N ALA B 137 1.40 12.49 6.54
CA ALA B 137 0.89 13.83 6.19
C ALA B 137 1.73 14.85 6.96
N TYR B 138 2.27 15.81 6.22
CA TYR B 138 3.16 16.87 6.74
C TYR B 138 3.25 17.94 5.64
N LYS B 139 3.37 19.20 6.06
CA LYS B 139 3.72 20.34 5.19
C LYS B 139 5.25 20.41 5.07
N GLY B 140 5.74 20.91 3.93
CA GLY B 140 7.19 21.04 3.67
C GLY B 140 7.87 19.69 3.72
N ASP B 141 8.99 19.57 4.43
CA ASP B 141 9.91 18.43 4.17
C ASP B 141 9.54 17.25 5.07
N TYR B 142 9.76 16.05 4.55
CA TYR B 142 9.71 14.81 5.36
C TYR B 142 10.72 14.94 6.52
N VAL B 143 10.30 14.53 7.70
CA VAL B 143 11.12 14.62 8.94
C VAL B 143 11.86 13.29 9.05
N ASP B 144 13.15 13.28 8.70
CA ASP B 144 13.89 11.99 8.73
C ASP B 144 14.37 11.76 10.16
N ALA B 145 14.98 10.59 10.34
CA ALA B 145 15.24 9.97 11.66
C ALA B 145 16.00 10.95 12.54
N PRO B 146 17.06 11.63 12.04
CA PRO B 146 17.82 12.57 12.87
C PRO B 146 17.00 13.69 13.54
N ASP B 147 15.87 14.11 12.95
CA ASP B 147 15.05 15.26 13.42
C ASP B 147 13.81 14.76 14.20
N GLN B 148 13.64 13.45 14.29
CA GLN B 148 12.54 12.82 15.06
C GLN B 148 12.96 12.67 16.53
N PHE B 149 12.00 12.56 17.44
CA PHE B 149 12.27 12.09 18.82
C PHE B 149 12.23 10.56 18.82
N THR B 150 12.87 9.97 19.81
CA THR B 150 12.90 8.50 20.01
C THR B 150 12.68 8.22 21.48
N TYR B 151 11.73 7.34 21.82
CA TYR B 151 11.62 6.79 23.18
C TYR B 151 11.99 5.31 23.12
N ALA B 152 12.55 4.78 24.21
CA ALA B 152 12.90 3.37 24.29
C ALA B 152 11.63 2.52 24.31
N TRP B 153 11.60 1.45 23.52
CA TRP B 153 10.51 0.48 23.49
C TRP B 153 10.07 0.08 24.89
N ASN B 154 11.01 -0.08 25.83
CA ASN B 154 10.70 -0.56 27.20
C ASN B 154 10.84 0.57 28.24
N ASP B 155 10.70 1.82 27.85
CA ASP B 155 10.70 2.95 28.81
C ASP B 155 9.71 2.66 29.94
N GLU B 156 10.16 2.66 31.21
CA GLU B 156 9.32 2.24 32.36
C GLU B 156 8.20 3.26 32.60
N ARG B 157 8.40 4.48 32.14
CA ARG B 157 7.32 5.50 32.25
C ARG B 157 6.12 5.11 31.40
N ILE B 158 6.35 4.51 30.25
CA ILE B 158 5.25 4.14 29.33
C ILE B 158 4.71 2.80 29.76
N GLY B 159 5.62 1.86 30.05
CA GLY B 159 5.28 0.55 30.61
C GLY B 159 4.49 -0.30 29.65
N ILE B 160 4.86 -0.28 28.38
CA ILE B 160 4.17 -1.08 27.34
C ILE B 160 4.28 -2.57 27.67
N ASP B 161 3.16 -3.29 27.59
CA ASP B 161 3.13 -4.77 27.64
C ASP B 161 3.50 -5.28 26.24
N TRP B 162 4.76 -5.66 26.02
CA TRP B 162 5.15 -6.27 24.72
C TRP B 162 5.21 -7.78 24.85
N PRO B 163 4.94 -8.52 23.77
CA PRO B 163 5.09 -9.98 23.78
C PRO B 163 6.53 -10.53 23.71
N THR B 164 7.54 -9.67 23.77
CA THR B 164 8.95 -10.07 23.75
C THR B 164 9.66 -9.47 24.97
N ASN B 165 10.65 -10.18 25.45
CA ASN B 165 11.55 -9.68 26.52
C ASN B 165 12.92 -9.42 25.89
N SER B 166 13.10 -9.59 24.57
CA SER B 166 14.43 -9.44 23.93
C SER B 166 14.21 -9.23 22.43
N PRO B 167 13.84 -8.00 22.01
CA PRO B 167 13.58 -7.70 20.60
C PRO B 167 14.86 -7.48 19.77
N ILE B 168 14.70 -7.50 18.45
CA ILE B 168 15.75 -7.16 17.47
C ILE B 168 15.60 -5.67 17.23
N LEU B 169 16.63 -4.86 17.46
CA LEU B 169 16.53 -3.37 17.40
C LEU B 169 17.65 -2.79 16.53
N SER B 170 17.39 -1.60 15.99
CA SER B 170 18.44 -0.72 15.42
C SER B 170 19.26 -0.07 16.52
N GLU B 171 20.41 0.49 16.10
CA GLU B 171 21.27 1.30 16.99
C GLU B 171 20.48 2.52 17.50
N ARG B 172 19.66 3.21 16.66
CA ARG B 172 18.80 4.34 17.14
C ARG B 172 17.95 3.87 18.32
N ASP B 173 17.31 2.72 18.17
CA ASP B 173 16.26 2.30 19.12
C ASP B 173 16.95 1.71 20.36
N ILE B 174 18.21 1.28 20.24
CA ILE B 174 19.02 0.83 21.41
C ILE B 174 19.53 2.06 22.19
N LEU B 175 20.05 3.06 21.49
CA LEU B 175 20.57 4.33 22.09
C LEU B 175 19.50 4.93 22.99
N ALA B 176 18.25 4.89 22.54
CA ALA B 176 17.10 5.38 23.30
C ALA B 176 17.02 4.68 24.68
N THR B 177 17.48 3.42 24.81
CA THR B 177 17.32 2.61 26.06
C THR B 177 18.46 2.96 27.02
PB GDP C . 12.68 2.75 11.67
O1B GDP C . 12.04 1.65 10.89
O2B GDP C . 13.72 2.33 12.71
O3B GDP C . 11.63 3.78 12.08
O3A GDP C . 13.63 3.52 10.61
PA GDP C . 14.23 4.97 10.92
O1A GDP C . 13.18 6.05 10.63
O2A GDP C . 15.03 4.82 12.20
O5' GDP C . 15.25 4.98 9.66
C5' GDP C . 16.26 3.99 9.55
C4' GDP C . 17.03 4.33 8.28
O4' GDP C . 16.22 4.22 7.07
C3' GDP C . 17.43 5.79 8.38
O3' GDP C . 18.75 5.96 7.86
C2' GDP C . 16.48 6.54 7.44
O2' GDP C . 17.05 7.64 6.73
C1' GDP C . 16.21 5.47 6.40
N9 GDP C . 14.86 5.55 5.83
C8 GDP C . 13.73 5.75 6.52
N7 GDP C . 12.69 5.78 5.65
C5 GDP C . 13.14 5.55 4.41
C6 GDP C . 12.57 5.41 3.06
O6 GDP C . 11.34 5.49 2.90
N1 GDP C . 13.42 5.18 2.04
C2 GDP C . 14.79 5.09 2.25
N2 GDP C . 15.61 4.89 1.21
N3 GDP C . 15.37 5.22 3.47
C4 GDP C . 14.59 5.41 4.54
K K D . -1.56 15.92 -11.48
C1 EDO E . 12.10 -9.56 6.00
O1 EDO E . 12.36 -10.95 6.17
C2 EDO E . 13.31 -8.83 5.55
O2 EDO E . 13.25 -8.33 4.24
NA NA F . 0.64 16.87 -14.93
PB GDP G . -10.31 -8.29 -9.26
O1B GDP G . -10.89 -9.48 -10.04
O2B GDP G . -9.28 -8.74 -8.26
O3B GDP G . -9.84 -7.02 -10.06
O3A GDP G . -11.62 -7.80 -8.46
PA GDP G . -12.81 -6.98 -9.12
O1A GDP G . -13.44 -7.92 -10.18
O2A GDP G . -12.32 -5.52 -9.35
O5' GDP G . -13.83 -6.98 -7.86
C5' GDP G . -14.14 -8.25 -7.23
C4' GDP G . -15.22 -8.00 -6.19
O4' GDP G . -14.72 -7.23 -5.05
C3' GDP G . -16.38 -7.19 -6.70
O3' GDP G . -17.55 -7.63 -6.02
C2' GDP G . -16.14 -5.78 -6.20
O2' GDP G . -17.28 -4.97 -5.94
C1' GDP G . -15.45 -6.03 -4.87
N9 GDP G . -14.41 -5.02 -4.50
C8 GDP G . -13.45 -4.52 -5.30
N7 GDP G . -12.63 -3.67 -4.62
C5 GDP G . -13.09 -3.65 -3.33
C6 GDP G . -12.69 -2.97 -2.10
O6 GDP G . -11.69 -2.23 -2.17
N1 GDP G . -13.41 -3.21 -1.02
C2 GDP G . -14.50 -4.04 -0.98
N2 GDP G . -15.15 -4.22 0.17
N3 GDP G . -14.94 -4.72 -2.08
C4 GDP G . -14.27 -4.53 -3.26
K K H . -7.70 17.74 6.32
NA NA I . -10.34 18.00 9.76
#